data_1A2C
#
_entry.id   1A2C
#
_cell.length_a   71.970
_cell.length_b   72.480
_cell.length_c   72.240
_cell.angle_alpha   90.00
_cell.angle_beta   100.93
_cell.angle_gamma   90.00
#
_symmetry.space_group_name_H-M   'C 1 2 1'
#
loop_
_entity.id
_entity.type
_entity.pdbx_description
1 polymer 'Thrombin light chain'
2 polymer 'Thrombin heavy chain'
3 polymer 'Hirudin variant-2'
4 polymer 'Aeruginosin 298-A'
5 non-polymer 'SODIUM ION'
6 water water
#
loop_
_entity_poly.entity_id
_entity_poly.type
_entity_poly.pdbx_seq_one_letter_code
_entity_poly.pdbx_strand_id
1 'polypeptide(L)' TFGSGEADCGLRPLFEKKSLEDKTERELLESYIDGR L
2 'polypeptide(L)'
;IVEGSDAEIGMSPWQVMLFRKSPQELLCGASLISDRWVLTAAHCLLYPPWDKNFTENDLLVRIGKHSRTRYERNIEKISM
LEKIYIHPRYNWRENLDRDIALMKLKKPVAFSDYIHPVCLPDRETAASLLQAGYKGRVTGWGNLKETWTANVGKGQPSVL
QVVNLPIVERPVCKDSTRIRITDNMFCAGYKPDEGKRGDACEGDSGGPFVMKSPFNNRWYQMGIVSWGEGCDRDGKYGFY
THVFRLKKWIQKVIDQFGE
;
H
3 'polypeptide(L)' NGDFEEIPEE(TYS)L I
4 'polypeptide(L)' (34H)L(PRJ)(OAR) J
#
loop_
_chem_comp.id
_chem_comp.type
_chem_comp.name
_chem_comp.formula
34H non-polymer '(2R)-2-HYDROXY-3-(4-HYDROXYPHENYL)PROPANOIC ACID' 'C9 H10 O4'
NA non-polymer 'SODIUM ION' 'Na 1'
OAR peptide-like N-(4-AMINO-5-HYDROXY-PENTYL)-GUANIDINE 'C6 H16 N4 O'
#
# COMPACT_ATOMS: atom_id res chain seq x y z
N THR A 1 -10.00 -4.42 8.88
CA THR A 1 -9.92 -5.15 10.17
C THR A 1 -9.82 -6.58 9.68
N PHE A 2 -10.51 -7.49 10.32
CA PHE A 2 -10.60 -8.91 9.93
C PHE A 2 -11.32 -9.18 8.61
N GLY A 3 -12.07 -10.30 8.73
CA GLY A 3 -12.89 -10.82 7.62
C GLY A 3 -13.19 -9.66 6.68
N SER A 4 -12.56 -9.62 5.52
CA SER A 4 -12.76 -8.60 4.49
C SER A 4 -13.06 -7.22 5.08
N GLY A 5 -11.93 -6.60 5.40
CA GLY A 5 -11.82 -5.30 6.02
C GLY A 5 -13.03 -4.99 6.91
N GLU A 6 -13.36 -3.69 6.85
CA GLU A 6 -14.41 -3.07 7.67
C GLU A 6 -15.90 -3.33 7.49
N ALA A 7 -16.61 -2.25 7.83
CA ALA A 7 -18.06 -2.07 7.90
C ALA A 7 -18.49 -1.33 6.65
N ASP A 8 -17.89 -0.13 6.58
CA ASP A 8 -18.07 0.72 5.40
C ASP A 8 -16.81 0.67 4.51
N CYS A 9 -16.05 -0.40 4.69
CA CYS A 9 -14.73 -0.46 3.96
C CYS A 9 -14.85 -0.28 2.47
N GLY A 10 -13.87 0.38 1.88
CA GLY A 10 -13.74 0.55 0.46
C GLY A 10 -14.62 1.31 -0.46
N LEU A 11 -15.59 2.05 0.13
CA LEU A 11 -16.59 2.92 -0.48
C LEU A 11 -16.13 4.31 -0.02
N ARG A 12 -15.52 4.89 -1.07
CA ARG A 12 -14.91 6.22 -0.91
C ARG A 12 -15.99 7.30 -0.89
N PRO A 13 -15.86 8.18 0.06
CA PRO A 13 -16.85 9.24 0.26
C PRO A 13 -17.03 10.08 -0.94
N LEU A 14 -15.98 10.31 -1.71
CA LEU A 14 -15.99 11.21 -2.85
C LEU A 14 -16.16 10.55 -4.22
N PHE A 15 -16.39 9.24 -4.26
CA PHE A 15 -16.58 8.59 -5.56
C PHE A 15 -17.79 7.63 -5.53
N GLU A 16 -17.60 6.49 -4.88
CA GLU A 16 -18.65 5.45 -4.77
C GLU A 16 -19.92 6.02 -4.12
N LYS A 17 -19.78 6.54 -2.94
CA LYS A 17 -20.81 7.15 -2.12
C LYS A 17 -21.58 8.26 -2.78
N LYS A 18 -21.09 8.76 -3.91
CA LYS A 18 -21.76 9.87 -4.57
C LYS A 18 -22.04 9.48 -6.01
N SER A 19 -21.58 8.29 -6.27
CA SER A 19 -21.74 7.65 -7.58
C SER A 19 -20.97 8.36 -8.68
N LEU A 20 -19.72 8.71 -8.27
CA LEU A 20 -18.77 9.33 -9.21
C LEU A 20 -17.59 8.36 -9.43
N GLU A 21 -17.04 8.21 -10.62
CA GLU A 21 -15.87 7.37 -10.92
C GLU A 21 -14.58 8.20 -10.99
N ASP A 22 -13.41 7.68 -10.65
CA ASP A 22 -12.13 8.44 -10.82
C ASP A 22 -11.70 8.19 -12.28
N LYS A 23 -10.78 9.02 -12.77
CA LYS A 23 -10.43 9.01 -14.19
C LYS A 23 -9.87 7.70 -14.66
N THR A 24 -9.41 6.78 -13.86
CA THR A 24 -8.88 5.54 -14.56
C THR A 24 -9.50 4.22 -14.12
N GLU A 25 -10.26 4.24 -13.03
CA GLU A 25 -10.96 3.03 -12.56
C GLU A 25 -11.42 2.17 -13.74
N ARG A 26 -12.07 2.88 -14.76
CA ARG A 26 -12.50 2.05 -15.90
C ARG A 26 -11.44 0.98 -16.19
N GLU A 27 -10.19 1.53 -16.31
CA GLU A 27 -9.08 0.65 -16.78
C GLU A 27 -9.15 -0.70 -16.06
N LEU A 28 -9.17 -0.58 -14.76
CA LEU A 28 -9.29 -1.69 -13.82
C LEU A 28 -10.45 -2.57 -14.20
N LEU A 29 -11.67 -2.04 -14.17
CA LEU A 29 -12.89 -2.81 -14.48
C LEU A 29 -12.81 -3.56 -15.78
N GLU A 30 -12.33 -2.85 -16.77
CA GLU A 30 -12.26 -3.38 -18.11
C GLU A 30 -11.41 -4.60 -18.29
N SER A 31 -10.55 -4.94 -17.37
CA SER A 31 -9.61 -6.05 -17.39
C SER A 31 -10.14 -7.30 -16.72
N TYR A 32 -10.99 -7.14 -15.74
CA TYR A 32 -11.61 -8.21 -14.99
C TYR A 32 -12.67 -8.73 -15.96
N ILE A 33 -12.14 -8.69 -16.95
CA ILE A 33 -12.71 -8.64 -18.29
C ILE A 33 -14.10 -7.95 -18.22
N ASP A 34 -13.98 -6.80 -17.52
CA ASP A 34 -15.08 -5.85 -17.21
C ASP A 34 -15.80 -6.27 -15.93
N GLY A 35 -16.58 -4.74 -15.69
CA GLY A 35 -17.22 -4.36 -14.41
C GLY A 35 -18.51 -5.04 -13.93
N ARG A 36 -19.19 -4.27 -13.06
CA ARG A 36 -20.46 -4.69 -12.47
C ARG A 36 -21.48 -4.95 -13.61
N ILE B 1 6.42 6.29 -7.42
CA ILE B 1 5.77 5.58 -8.56
C ILE B 1 6.43 6.18 -9.80
N VAL B 2 6.71 5.33 -10.76
CA VAL B 2 7.32 5.65 -12.05
C VAL B 2 6.31 5.52 -13.16
N GLU B 3 6.22 6.55 -13.98
CA GLU B 3 5.26 6.54 -15.08
C GLU B 3 3.80 6.45 -14.62
N GLY B 4 3.36 7.24 -13.68
CA GLY B 4 1.95 7.27 -13.31
C GLY B 4 1.51 8.74 -13.24
N SER B 5 0.26 9.03 -12.85
CA SER B 5 -0.22 10.40 -12.71
C SER B 5 -0.45 10.76 -11.24
N ASP B 6 -0.90 12.01 -11.11
CA ASP B 6 -1.22 12.50 -9.75
C ASP B 6 -2.65 11.98 -9.45
N ALA B 7 -2.75 11.39 -8.33
CA ALA B 7 -4.04 10.87 -7.87
C ALA B 7 -5.03 11.99 -7.75
N GLU B 8 -6.33 11.80 -7.97
CA GLU B 8 -7.38 12.80 -7.69
C GLU B 8 -7.58 12.96 -6.19
N ILE B 9 -8.16 14.11 -5.83
CA ILE B 9 -8.40 14.38 -4.40
C ILE B 9 -9.44 13.28 -4.01
N GLY B 10 -9.22 12.75 -2.84
CA GLY B 10 -9.76 11.70 -2.05
C GLY B 10 -9.89 10.41 -2.81
N MET B 11 -9.00 10.07 -3.74
CA MET B 11 -9.01 8.89 -4.58
C MET B 11 -8.48 7.67 -3.85
N SER B 12 -7.72 7.88 -2.79
CA SER B 12 -7.10 6.89 -1.94
C SER B 12 -7.21 7.26 -0.47
N PRO B 13 -8.42 7.29 0.09
CA PRO B 13 -8.64 7.68 1.47
C PRO B 13 -7.93 6.78 2.48
N TRP B 14 -7.44 5.63 2.03
CA TRP B 14 -6.80 4.64 2.94
C TRP B 14 -5.25 4.70 2.91
N GLN B 15 -4.69 5.58 2.09
CA GLN B 15 -3.24 5.87 1.85
C GLN B 15 -2.73 6.59 3.05
N VAL B 16 -1.74 6.02 3.68
CA VAL B 16 -1.10 6.48 4.92
C VAL B 16 0.39 6.73 4.68
N MET B 17 0.94 7.79 5.23
CA MET B 17 2.34 8.16 5.05
C MET B 17 3.05 7.76 6.32
N LEU B 18 4.00 6.88 6.25
CA LEU B 18 4.82 6.56 7.46
C LEU B 18 5.91 7.65 7.47
N PHE B 19 5.96 8.42 8.53
CA PHE B 19 6.82 9.60 8.58
C PHE B 19 7.75 9.57 9.81
N ARG B 20 9.04 9.80 9.57
CA ARG B 20 10.05 9.84 10.66
C ARG B 20 9.97 11.19 11.37
N LYS B 21 9.86 11.06 12.70
CA LYS B 21 9.82 12.34 13.46
C LYS B 21 11.08 13.20 13.37
N SER B 22 12.23 12.56 13.43
CA SER B 22 13.54 13.22 13.50
C SER B 22 14.70 12.43 12.92
N PRO B 23 15.26 12.79 11.78
CA PRO B 23 14.90 13.88 10.91
C PRO B 23 13.50 13.62 10.35
N GLN B 24 12.69 14.64 10.35
CA GLN B 24 11.30 14.57 9.90
C GLN B 24 11.33 14.23 8.40
N GLU B 25 11.02 12.97 8.13
CA GLU B 25 11.02 12.40 6.78
C GLU B 25 10.11 11.20 6.55
N LEU B 26 9.67 11.13 5.31
CA LEU B 26 8.83 10.10 4.79
C LEU B 26 9.61 8.78 4.82
N LEU B 27 9.18 7.79 5.55
CA LEU B 27 9.82 6.50 5.56
C LEU B 27 9.24 5.63 4.48
N CYS B 28 7.94 5.52 4.47
CA CYS B 28 7.17 4.62 3.59
C CYS B 28 5.69 5.02 3.54
N GLY B 29 4.96 4.19 2.82
CA GLY B 29 3.52 4.31 2.66
C GLY B 29 2.86 3.36 3.67
N ALA B 30 1.58 3.05 3.49
CA ALA B 30 0.87 2.24 4.49
C ALA B 30 -0.62 2.32 4.13
N SER B 31 -1.42 1.43 4.70
CA SER B 31 -2.86 1.48 4.34
C SER B 31 -3.69 1.45 5.65
N LEU B 32 -4.82 2.17 5.69
CA LEU B 32 -5.71 2.27 6.88
C LEU B 32 -6.69 1.08 6.69
N ILE B 33 -6.76 0.23 7.71
CA ILE B 33 -7.66 -0.95 7.57
C ILE B 33 -8.77 -0.98 8.63
N SER B 34 -8.86 0.07 9.40
CA SER B 34 -9.95 0.21 10.41
C SER B 34 -9.69 1.57 11.05
N ASP B 35 -10.38 2.05 12.09
CA ASP B 35 -9.94 3.39 12.58
C ASP B 35 -8.74 3.30 13.54
N ARG B 36 -8.33 2.14 13.98
CA ARG B 36 -7.19 1.96 14.90
C ARG B 36 -5.97 1.21 14.30
N TRP B 37 -6.11 0.60 13.16
CA TRP B 37 -5.05 -0.20 12.48
C TRP B 37 -4.69 0.32 11.07
N VAL B 38 -3.37 0.25 10.86
CA VAL B 38 -2.66 0.57 9.63
C VAL B 38 -1.78 -0.63 9.22
N LEU B 39 -1.64 -0.95 7.97
CA LEU B 39 -0.85 -2.04 7.48
C LEU B 39 0.24 -1.51 6.51
N THR B 40 1.44 -2.07 6.74
CA THR B 40 2.65 -1.67 5.96
C THR B 40 3.65 -2.79 5.82
N ALA B 41 4.74 -2.59 5.06
CA ALA B 41 5.73 -3.72 4.89
C ALA B 41 6.53 -3.95 6.15
N ALA B 42 6.93 -5.13 6.65
CA ALA B 42 7.85 -5.08 7.83
C ALA B 42 9.21 -4.46 7.44
N HIS B 43 9.70 -4.48 6.21
CA HIS B 43 11.05 -3.89 6.02
C HIS B 43 11.02 -2.40 6.26
N CYS B 44 9.93 -1.65 6.23
CA CYS B 44 9.87 -0.25 6.62
C CYS B 44 10.28 0.02 8.07
N LEU B 45 10.10 -1.01 8.89
CA LEU B 45 10.36 -0.91 10.35
C LEU B 45 11.66 -1.57 10.79
N LEU B 46 12.07 -2.72 10.27
CA LEU B 46 13.20 -3.55 10.63
C LEU B 46 13.99 -4.11 9.43
N TYR B 47 15.28 -3.84 9.46
CA TYR B 47 16.19 -4.27 8.37
C TYR B 47 17.56 -4.18 9.03
N PRO B 48 17.80 -5.20 9.83
CA PRO B 48 18.95 -5.22 10.73
C PRO B 48 20.29 -4.96 10.04
N PRO B 49 20.36 -5.41 8.81
CA PRO B 49 21.50 -5.32 7.95
C PRO B 49 21.93 -3.94 7.56
N TRP B 50 21.00 -3.03 7.57
CA TRP B 50 21.29 -1.65 7.26
C TRP B 50 21.04 -1.11 8.67
N ASP B 51 21.11 -1.93 9.67
CA ASP B 51 20.87 -1.30 11.01
C ASP B 51 19.56 -0.62 11.36
N LYS B 52 18.54 -0.83 10.56
CA LYS B 52 17.17 -0.29 10.75
C LYS B 52 16.24 -1.19 11.57
N ASN B 53 15.77 -0.51 12.61
CA ASN B 53 14.89 -0.96 13.66
C ASN B 53 14.02 0.16 14.23
N PHE B 54 13.06 0.62 13.49
CA PHE B 54 12.13 1.65 14.02
C PHE B 54 11.19 1.11 15.11
N THR B 55 11.16 1.82 16.19
CA THR B 55 10.32 1.69 17.41
C THR B 55 9.10 2.61 17.23
N GLU B 56 8.15 2.36 18.12
CA GLU B 56 6.86 3.07 18.17
C GLU B 56 6.93 4.57 18.34
N ASN B 57 7.70 5.14 19.26
CA ASN B 57 7.73 6.60 19.29
C ASN B 57 8.82 7.15 18.41
N ASP B 58 9.13 6.45 17.38
CA ASP B 58 10.15 6.90 16.42
C ASP B 58 9.47 7.56 15.22
N LEU B 59 8.22 7.13 15.09
CA LEU B 59 7.29 7.43 14.02
C LEU B 59 5.94 8.12 14.25
N LEU B 60 5.42 8.68 13.18
CA LEU B 60 4.05 9.18 13.19
C LEU B 60 3.34 8.56 11.96
N VAL B 61 2.03 8.46 11.97
CA VAL B 61 1.36 8.08 10.71
C VAL B 61 0.60 9.35 10.33
N ARG B 62 0.57 9.72 9.09
CA ARG B 62 -0.21 10.83 8.61
C ARG B 62 -1.32 10.33 7.67
N ILE B 63 -2.61 10.56 7.90
CA ILE B 63 -3.64 10.10 6.95
C ILE B 63 -4.46 11.21 6.35
N GLY B 64 -4.87 11.22 5.10
CA GLY B 64 -5.69 12.29 4.55
C GLY B 64 -4.78 13.23 3.72
N LYS B 65 -3.51 12.76 3.59
CA LYS B 65 -2.52 13.60 2.91
C LYS B 65 -2.74 13.46 1.41
N HIS B 66 -2.30 14.45 0.66
CA HIS B 66 -2.35 14.45 -0.82
C HIS B 66 -0.95 15.00 -1.21
N SER B 67 -0.64 16.13 -0.57
CA SER B 67 0.68 16.78 -0.78
C SER B 67 1.73 15.92 -0.06
N ARG B 68 2.84 15.75 -0.75
CA ARG B 68 4.00 15.04 -0.21
C ARG B 68 4.63 15.71 1.00
N THR B 69 4.94 16.99 0.92
CA THR B 69 5.61 17.70 2.03
C THR B 69 4.85 18.76 2.83
N ARG B 70 3.76 19.27 2.27
CA ARG B 70 2.98 20.26 3.03
C ARG B 70 2.20 19.71 4.18
N TYR B 71 1.96 20.48 5.20
CA TYR B 71 1.09 19.99 6.31
C TYR B 71 -0.34 20.40 5.97
N GLU B 72 -1.21 19.48 5.62
CA GLU B 72 -2.58 19.82 5.14
C GLU B 72 -3.50 20.02 6.33
N ARG B 73 -3.34 21.24 6.82
CA ARG B 73 -3.87 21.88 8.00
C ARG B 73 -5.25 21.45 8.41
N ASN B 74 -6.32 21.33 7.65
CA ASN B 74 -7.54 20.78 8.31
C ASN B 74 -8.12 19.60 7.53
N ILE B 75 -7.26 18.95 6.76
CA ILE B 75 -7.52 17.81 5.93
C ILE B 75 -6.82 16.59 6.52
N GLU B 76 -5.52 16.58 6.81
CA GLU B 76 -4.82 15.36 7.30
C GLU B 76 -4.86 15.21 8.80
N LYS B 77 -4.77 14.02 9.36
CA LYS B 77 -4.74 13.77 10.80
C LYS B 77 -3.50 12.90 11.10
N ILE B 78 -2.77 13.25 12.10
CA ILE B 78 -1.51 12.61 12.50
C ILE B 78 -1.73 11.72 13.73
N SER B 79 -1.24 10.53 13.82
CA SER B 79 -1.48 9.72 15.02
C SER B 79 -0.19 9.06 15.45
N MET B 80 -0.25 8.79 16.75
CA MET B 80 0.88 8.17 17.45
C MET B 80 0.47 6.67 17.43
N LEU B 81 1.51 5.87 17.54
CA LEU B 81 1.28 4.41 17.57
C LEU B 81 1.49 3.95 19.02
N GLU B 82 0.69 2.93 19.19
CA GLU B 82 0.60 2.19 20.43
C GLU B 82 1.45 0.93 20.29
N LYS B 83 1.47 0.25 19.18
CA LYS B 83 2.25 -0.98 19.02
C LYS B 83 2.59 -1.19 17.55
N ILE B 84 3.67 -1.96 17.40
CA ILE B 84 4.25 -2.36 16.10
C ILE B 84 4.39 -3.91 16.26
N TYR B 85 3.90 -4.60 15.27
CA TYR B 85 3.90 -6.06 15.28
C TYR B 85 4.42 -6.50 13.92
N ILE B 86 5.54 -7.20 13.88
CA ILE B 86 6.11 -7.69 12.62
C ILE B 86 5.73 -9.16 12.54
N HIS B 87 5.59 -9.69 11.36
CA HIS B 87 5.31 -11.13 11.21
C HIS B 87 6.48 -11.86 11.85
N PRO B 88 6.25 -12.78 12.77
CA PRO B 88 7.32 -13.46 13.45
C PRO B 88 8.23 -14.19 12.47
N ARG B 89 7.73 -14.44 11.27
CA ARG B 89 8.48 -15.21 10.26
C ARG B 89 8.86 -14.42 9.01
N TYR B 90 8.89 -13.09 9.10
CA TYR B 90 9.42 -12.22 8.03
C TYR B 90 10.92 -12.60 7.72
N ASN B 91 11.22 -12.96 6.47
CA ASN B 91 12.59 -13.29 6.13
C ASN B 91 13.47 -12.09 5.73
N TRP B 92 14.02 -11.42 6.73
CA TRP B 92 14.91 -10.31 6.23
C TRP B 92 16.26 -10.85 5.72
N ARG B 93 16.66 -12.04 6.08
CA ARG B 93 17.93 -12.67 5.73
C ARG B 93 18.09 -13.08 4.27
N GLU B 94 17.03 -13.65 3.61
CA GLU B 94 17.21 -14.05 2.21
C GLU B 94 16.29 -13.26 1.28
N ASN B 95 14.90 -13.49 1.28
CA ASN B 95 14.07 -12.83 0.28
C ASN B 95 12.94 -11.90 0.76
N LEU B 96 12.88 -11.34 1.95
CA LEU B 96 11.80 -10.44 2.37
C LEU B 96 10.41 -11.16 2.37
N ASP B 97 10.47 -12.47 2.56
CA ASP B 97 9.30 -13.36 2.66
C ASP B 97 8.49 -12.79 3.87
N ARG B 98 7.18 -12.59 3.69
CA ARG B 98 6.33 -12.10 4.81
C ARG B 98 6.62 -10.73 5.28
N ASP B 99 6.89 -9.88 4.29
CA ASP B 99 7.12 -8.43 4.45
C ASP B 99 5.74 -7.75 4.66
N ILE B 100 5.31 -7.78 5.90
CA ILE B 100 4.00 -7.35 6.45
C ILE B 100 4.14 -7.08 7.96
N ALA B 101 3.52 -5.98 8.47
CA ALA B 101 3.55 -5.53 9.86
C ALA B 101 2.30 -4.62 9.96
N LEU B 102 1.79 -4.64 11.19
CA LEU B 102 0.63 -3.91 11.71
C LEU B 102 1.07 -2.98 12.85
N MET B 103 0.57 -1.77 12.74
CA MET B 103 0.67 -0.65 13.66
C MET B 103 -0.75 -0.31 14.12
N LYS B 104 -0.99 -0.44 15.40
CA LYS B 104 -2.26 -0.16 16.09
C LYS B 104 -2.03 1.22 16.73
N LEU B 105 -2.97 2.10 16.37
CA LEU B 105 -2.94 3.55 16.59
C LEU B 105 -3.14 3.91 18.03
N LYS B 106 -2.51 4.96 18.54
CA LYS B 106 -2.70 5.28 19.98
C LYS B 106 -4.15 5.62 20.32
N LYS B 107 -4.91 6.00 19.30
CA LYS B 107 -6.34 6.33 19.42
C LYS B 107 -7.01 6.15 18.05
N PRO B 108 -8.26 5.79 18.07
CA PRO B 108 -8.98 5.57 16.80
C PRO B 108 -9.06 6.90 16.10
N VAL B 109 -9.17 6.87 14.81
CA VAL B 109 -9.27 8.00 13.92
C VAL B 109 -10.75 8.12 13.51
N ALA B 110 -11.01 9.35 13.06
CA ALA B 110 -12.38 9.66 12.61
C ALA B 110 -12.22 9.77 11.08
N PHE B 111 -13.21 9.23 10.45
CA PHE B 111 -13.24 9.09 9.00
C PHE B 111 -13.72 10.43 8.43
N SER B 112 -13.57 10.61 7.11
CA SER B 112 -13.88 11.99 6.67
C SER B 112 -13.94 11.82 5.17
N ASP B 113 -13.97 12.88 4.41
CA ASP B 113 -14.06 12.65 2.94
C ASP B 113 -12.68 12.24 2.35
N TYR B 114 -11.72 12.42 3.25
CA TYR B 114 -10.33 12.19 2.88
C TYR B 114 -9.72 10.96 3.49
N ILE B 115 -10.30 10.44 4.55
CA ILE B 115 -9.98 9.34 5.41
C ILE B 115 -11.08 8.27 5.54
N HIS B 116 -10.77 7.15 4.91
CA HIS B 116 -11.71 6.01 4.82
C HIS B 116 -10.93 4.70 4.78
N PRO B 117 -11.26 3.62 5.47
CA PRO B 117 -10.49 2.35 5.40
C PRO B 117 -10.68 1.52 4.15
N VAL B 118 -9.68 0.67 3.81
CA VAL B 118 -9.76 -0.24 2.64
C VAL B 118 -10.24 -1.60 3.18
N CYS B 119 -10.78 -2.41 2.30
CA CYS B 119 -11.27 -3.74 2.78
C CYS B 119 -10.18 -4.79 2.66
N LEU B 120 -10.08 -5.77 3.51
CA LEU B 120 -9.15 -6.91 3.38
C LEU B 120 -9.98 -8.01 2.66
N PRO B 121 -9.35 -8.75 1.72
CA PRO B 121 -10.03 -9.72 0.89
C PRO B 121 -10.45 -10.99 1.63
N ASP B 122 -11.50 -11.61 1.12
CA ASP B 122 -11.94 -12.93 1.61
C ASP B 122 -11.52 -14.04 0.62
N ARG B 123 -11.23 -15.26 1.01
CA ARG B 123 -10.81 -16.29 0.07
C ARG B 123 -11.48 -16.15 -1.28
N GLU B 124 -12.72 -15.73 -1.43
CA GLU B 124 -13.38 -15.74 -2.74
C GLU B 124 -13.08 -14.54 -3.58
N THR B 125 -12.97 -13.45 -2.86
CA THR B 125 -12.62 -12.18 -3.60
C THR B 125 -11.18 -12.31 -4.16
N ALA B 126 -10.28 -12.77 -3.37
CA ALA B 126 -8.85 -13.03 -3.53
C ALA B 126 -8.69 -13.98 -4.70
N ALA B 127 -9.53 -15.01 -4.62
CA ALA B 127 -9.60 -16.06 -5.62
C ALA B 127 -10.11 -15.54 -6.91
N SER B 128 -11.12 -14.71 -7.05
CA SER B 128 -11.50 -14.31 -8.43
C SER B 128 -10.77 -13.08 -8.99
N LEU B 129 -9.97 -12.41 -8.19
CA LEU B 129 -9.36 -11.16 -8.68
C LEU B 129 -7.87 -11.36 -8.97
N LEU B 130 -7.27 -12.12 -8.06
CA LEU B 130 -5.80 -12.31 -8.19
C LEU B 130 -5.48 -13.25 -9.35
N GLN B 131 -5.62 -12.75 -10.54
CA GLN B 131 -5.45 -13.45 -11.80
C GLN B 131 -4.63 -12.54 -12.76
N ALA B 132 -3.74 -13.23 -13.46
CA ALA B 132 -2.74 -12.59 -14.32
C ALA B 132 -3.60 -11.85 -15.35
N GLY B 133 -3.08 -10.65 -15.59
CA GLY B 133 -3.82 -9.85 -16.59
C GLY B 133 -4.66 -8.78 -15.88
N TYR B 134 -5.17 -9.24 -14.74
CA TYR B 134 -5.97 -8.29 -13.94
C TYR B 134 -5.07 -7.15 -13.50
N LYS B 135 -5.60 -5.94 -13.51
CA LYS B 135 -4.95 -4.73 -13.00
C LYS B 135 -5.41 -4.30 -11.61
N GLY B 136 -4.48 -3.81 -10.84
CA GLY B 136 -4.46 -3.30 -9.48
C GLY B 136 -3.94 -1.85 -9.60
N ARG B 137 -3.82 -1.18 -8.47
CA ARG B 137 -3.50 0.23 -8.52
C ARG B 137 -2.48 0.43 -7.43
N VAL B 138 -1.41 1.21 -7.69
CA VAL B 138 -0.45 1.44 -6.58
C VAL B 138 -0.45 2.97 -6.46
N THR B 139 -0.11 3.35 -5.24
CA THR B 139 0.05 4.71 -4.89
C THR B 139 1.11 4.90 -3.82
N GLY B 140 1.57 6.09 -3.97
CA GLY B 140 2.67 6.54 -3.13
C GLY B 140 3.26 7.84 -3.66
N TRP B 141 4.01 8.44 -2.73
CA TRP B 141 4.74 9.71 -2.88
C TRP B 141 6.23 9.46 -3.14
N GLY B 142 6.74 8.27 -3.45
CA GLY B 142 8.12 7.86 -3.69
C GLY B 142 8.68 8.48 -4.99
N ASN B 143 9.87 7.89 -5.25
CA ASN B 143 10.73 8.29 -6.38
C ASN B 143 9.94 8.27 -7.67
N LEU B 144 10.23 9.21 -8.53
CA LEU B 144 9.65 9.34 -9.85
C LEU B 144 10.47 8.59 -10.84
N LYS B 145 11.69 8.26 -10.49
CA LYS B 145 12.51 7.45 -11.46
C LYS B 145 13.59 6.73 -10.64
N GLU B 146 14.07 5.66 -11.26
CA GLU B 146 14.97 4.79 -10.48
C GLU B 146 16.17 5.40 -9.81
N THR B 147 16.67 6.39 -10.51
CA THR B 147 17.82 7.27 -10.29
C THR B 147 17.70 8.26 -11.47
N GLY B 155 12.53 13.24 -9.73
CA GLY B 155 12.68 13.62 -8.31
C GLY B 155 11.51 13.05 -7.51
N GLN B 156 11.15 13.78 -6.45
CA GLN B 156 10.01 13.40 -5.59
C GLN B 156 8.81 14.23 -6.05
N PRO B 157 7.64 13.72 -5.86
CA PRO B 157 6.40 14.30 -6.45
C PRO B 157 5.94 15.34 -5.44
N SER B 158 5.07 16.27 -5.89
CA SER B 158 4.52 17.20 -4.88
C SER B 158 3.21 16.58 -4.35
N VAL B 159 2.58 15.80 -5.17
CA VAL B 159 1.31 15.10 -4.91
C VAL B 159 1.44 13.57 -4.97
N LEU B 160 0.50 12.91 -4.30
CA LEU B 160 0.35 11.44 -4.37
C LEU B 160 0.30 10.99 -5.79
N GLN B 161 0.92 9.94 -6.25
CA GLN B 161 0.91 9.47 -7.65
C GLN B 161 0.16 8.12 -7.68
N VAL B 162 -0.22 7.77 -8.89
CA VAL B 162 -0.95 6.49 -8.98
C VAL B 162 -0.63 5.77 -10.29
N VAL B 163 -0.60 4.42 -10.27
CA VAL B 163 -0.39 3.75 -11.57
C VAL B 163 -1.20 2.44 -11.49
N ASN B 164 -1.71 1.92 -12.59
CA ASN B 164 -2.51 0.71 -12.56
C ASN B 164 -1.60 -0.32 -13.17
N LEU B 165 -1.43 -1.50 -12.69
CA LEU B 165 -0.60 -2.55 -13.30
C LEU B 165 -1.32 -3.87 -13.41
N PRO B 166 -0.93 -4.67 -14.39
CA PRO B 166 -1.52 -6.02 -14.55
C PRO B 166 -0.76 -6.99 -13.64
N ILE B 167 -1.40 -8.01 -13.11
CA ILE B 167 -0.90 -9.09 -12.29
C ILE B 167 -0.16 -9.97 -13.35
N VAL B 168 1.00 -10.48 -13.02
CA VAL B 168 1.89 -11.23 -13.94
C VAL B 168 1.93 -12.68 -13.38
N GLU B 169 2.01 -13.56 -14.35
CA GLU B 169 2.05 -15.02 -14.15
C GLU B 169 3.30 -15.38 -13.36
N ARG B 170 3.17 -16.24 -12.37
CA ARG B 170 4.21 -16.62 -11.41
C ARG B 170 5.55 -16.94 -12.09
N PRO B 171 5.48 -17.90 -13.00
CA PRO B 171 6.60 -18.40 -13.77
C PRO B 171 7.32 -17.22 -14.41
N VAL B 172 6.61 -16.28 -14.98
CA VAL B 172 7.25 -15.06 -15.52
C VAL B 172 7.98 -14.37 -14.37
N CYS B 173 7.30 -14.38 -13.21
CA CYS B 173 7.82 -13.70 -12.00
C CYS B 173 9.23 -14.21 -11.69
N LYS B 174 9.29 -15.47 -11.35
CA LYS B 174 10.49 -16.25 -11.08
C LYS B 174 11.64 -16.03 -12.08
N ASP B 175 11.37 -16.18 -13.35
CA ASP B 175 12.18 -16.10 -14.54
C ASP B 175 12.87 -14.77 -14.76
N SER B 176 12.45 -13.86 -13.90
CA SER B 176 12.83 -12.43 -14.00
C SER B 176 13.80 -12.03 -12.94
N THR B 177 14.10 -12.87 -11.99
CA THR B 177 15.05 -12.52 -10.93
C THR B 177 15.81 -13.82 -10.57
N ARG B 178 16.71 -13.61 -9.64
CA ARG B 178 17.55 -14.61 -9.06
C ARG B 178 17.22 -14.78 -7.56
N ILE B 179 16.30 -13.94 -7.14
CA ILE B 179 15.82 -14.03 -5.73
C ILE B 179 14.79 -15.19 -5.66
N ARG B 180 14.90 -15.94 -4.56
CA ARG B 180 13.84 -17.02 -4.48
C ARG B 180 12.52 -16.42 -3.92
N ILE B 181 11.50 -16.48 -4.73
CA ILE B 181 10.08 -16.06 -4.69
C ILE B 181 9.30 -17.12 -3.92
N THR B 182 8.52 -16.76 -2.93
CA THR B 182 7.66 -17.69 -2.15
C THR B 182 6.20 -17.37 -2.45
N ASP B 183 5.23 -18.20 -2.19
CA ASP B 183 3.78 -18.11 -2.29
C ASP B 183 3.21 -16.87 -1.60
N ASN B 184 3.91 -16.33 -0.64
CA ASN B 184 3.54 -15.05 -0.04
C ASN B 184 3.86 -13.89 -0.96
N MET B 185 4.21 -14.08 -2.23
CA MET B 185 4.56 -12.89 -3.03
C MET B 185 3.84 -12.96 -4.37
N PHE B 186 3.67 -11.80 -4.96
CA PHE B 186 3.14 -11.80 -6.34
C PHE B 186 3.91 -10.60 -6.99
N CYS B 187 4.03 -10.53 -8.27
CA CYS B 187 4.74 -9.53 -9.04
C CYS B 187 3.66 -9.01 -10.01
N ALA B 188 3.91 -7.78 -10.33
CA ALA B 188 3.06 -6.98 -11.22
C ALA B 188 3.93 -5.94 -11.96
N GLY B 189 3.50 -5.67 -13.18
CA GLY B 189 3.99 -4.78 -14.19
C GLY B 189 3.65 -5.20 -15.59
N TYR B 190 3.94 -4.29 -16.52
CA TYR B 190 3.72 -4.60 -17.97
C TYR B 190 4.93 -5.32 -18.58
N LYS B 191 4.81 -6.12 -19.61
CA LYS B 191 5.86 -6.80 -20.39
C LYS B 191 6.31 -5.83 -21.47
N PRO B 192 7.60 -5.87 -21.78
CA PRO B 192 8.21 -4.84 -22.66
C PRO B 192 7.53 -5.00 -24.00
N ASP B 193 6.98 -6.20 -24.12
CA ASP B 193 6.34 -6.34 -25.45
C ASP B 193 5.15 -5.37 -25.36
N GLU B 194 4.47 -5.35 -24.24
CA GLU B 194 3.25 -4.51 -24.09
C GLU B 194 3.45 -3.01 -24.22
N GLY B 195 4.48 -2.35 -23.83
CA GLY B 195 4.62 -1.01 -24.41
C GLY B 195 3.81 0.02 -23.60
N LYS B 196 3.76 -0.28 -22.32
CA LYS B 196 3.08 0.50 -21.26
C LYS B 196 3.95 0.34 -20.01
N ARG B 197 4.13 1.35 -19.18
CA ARG B 197 4.99 1.11 -17.98
C ARG B 197 4.41 1.68 -16.70
N GLY B 198 5.44 1.77 -15.76
CA GLY B 198 4.95 2.27 -14.45
C GLY B 198 5.44 1.13 -13.50
N ASP B 199 5.68 1.45 -12.29
CA ASP B 199 6.18 0.61 -11.24
C ASP B 199 6.21 1.54 -10.03
N ALA B 200 6.23 0.99 -8.86
CA ALA B 200 6.42 1.60 -7.57
C ALA B 200 7.93 1.96 -7.57
N CYS B 201 8.54 2.43 -6.51
CA CYS B 201 9.99 2.69 -6.57
C CYS B 201 10.26 2.90 -5.07
N GLU B 202 11.50 2.98 -4.70
CA GLU B 202 11.92 3.33 -3.37
C GLU B 202 10.92 4.42 -2.94
N GLY B 203 10.74 4.55 -1.65
CA GLY B 203 9.93 5.50 -0.92
C GLY B 203 8.48 5.12 -0.89
N ASP B 204 8.08 4.37 -1.89
CA ASP B 204 6.77 3.81 -2.17
C ASP B 204 6.46 2.61 -1.29
N SER B 205 7.45 1.84 -0.90
CA SER B 205 7.21 0.63 -0.07
C SER B 205 6.17 0.81 1.04
N GLY B 206 5.39 -0.22 1.42
CA GLY B 206 4.42 -0.25 2.51
C GLY B 206 3.06 0.20 2.02
N GLY B 207 3.04 0.70 0.77
CA GLY B 207 1.80 1.30 0.28
C GLY B 207 0.90 0.14 -0.07
N PRO B 208 -0.31 0.51 -0.47
CA PRO B 208 -1.27 -0.51 -0.92
C PRO B 208 -1.27 -0.73 -2.42
N PHE B 209 -1.49 -1.99 -2.77
CA PHE B 209 -1.79 -2.45 -4.15
C PHE B 209 -3.30 -2.87 -4.00
N VAL B 210 -4.27 -2.39 -4.72
CA VAL B 210 -5.70 -2.59 -4.52
C VAL B 210 -6.40 -2.75 -5.86
N MET B 211 -7.51 -3.48 -5.68
CA MET B 211 -8.44 -3.79 -6.79
C MET B 211 -9.84 -3.40 -6.29
N LYS B 212 -10.64 -3.10 -7.30
CA LYS B 212 -12.07 -2.76 -7.06
C LYS B 212 -12.94 -3.98 -7.37
N SER B 213 -13.69 -4.48 -6.43
CA SER B 213 -14.58 -5.60 -6.82
C SER B 213 -15.67 -5.17 -7.75
N PRO B 214 -15.77 -5.99 -8.78
CA PRO B 214 -16.86 -5.75 -9.76
C PRO B 214 -18.19 -6.31 -9.22
N PHE B 215 -18.14 -7.03 -8.07
CA PHE B 215 -19.34 -7.71 -7.45
C PHE B 215 -20.12 -6.75 -6.55
N ASN B 216 -19.31 -6.11 -5.66
CA ASN B 216 -19.83 -5.15 -4.70
C ASN B 216 -19.23 -3.74 -4.79
N ASN B 217 -18.56 -3.44 -5.90
CA ASN B 217 -18.01 -2.10 -6.19
C ASN B 217 -17.03 -1.50 -5.18
N ARG B 218 -16.64 -2.30 -4.25
CA ARG B 218 -15.73 -2.04 -3.18
C ARG B 218 -14.23 -2.19 -3.54
N TRP B 219 -13.36 -1.48 -2.85
CA TRP B 219 -11.90 -1.53 -3.00
C TRP B 219 -11.23 -2.47 -2.03
N TYR B 220 -10.46 -3.44 -2.48
CA TYR B 220 -9.78 -4.38 -1.61
C TYR B 220 -8.25 -4.23 -1.65
N GLN B 221 -7.48 -4.36 -0.63
CA GLN B 221 -6.02 -4.35 -0.75
C GLN B 221 -5.55 -5.81 -0.87
N MET B 222 -5.09 -6.11 -2.07
CA MET B 222 -4.45 -7.39 -2.45
C MET B 222 -2.98 -7.53 -2.12
N GLY B 223 -2.25 -6.43 -2.29
CA GLY B 223 -0.77 -6.39 -2.13
C GLY B 223 -0.15 -5.32 -1.29
N ILE B 224 1.02 -5.58 -0.71
CA ILE B 224 1.79 -4.53 -0.02
C ILE B 224 3.09 -4.27 -0.86
N VAL B 225 3.50 -3.08 -1.24
CA VAL B 225 4.68 -2.73 -2.07
C VAL B 225 5.95 -3.29 -1.36
N SER B 226 6.58 -4.33 -1.95
CA SER B 226 7.69 -5.00 -1.30
C SER B 226 9.07 -4.78 -1.92
N TRP B 227 9.41 -5.28 -3.07
CA TRP B 227 10.82 -5.02 -3.50
C TRP B 227 10.85 -5.13 -4.97
N GLY B 228 11.94 -4.65 -5.57
CA GLY B 228 11.99 -4.79 -7.04
C GLY B 228 13.47 -4.54 -7.43
N GLU B 229 13.91 -5.24 -8.67
CA GLU B 229 15.23 -4.88 -9.25
C GLU B 229 15.14 -3.54 -9.97
N GLY B 230 15.58 -2.51 -9.37
CA GLY B 230 15.44 -1.19 -9.99
C GLY B 230 13.96 -0.94 -10.34
N CYS B 231 13.56 0.32 -10.40
CA CYS B 231 12.20 0.76 -10.80
C CYS B 231 11.97 0.86 -12.30
N ASP B 232 10.88 0.29 -12.77
CA ASP B 232 10.46 0.35 -14.17
C ASP B 232 11.58 -0.05 -15.14
N ARG B 233 12.35 -1.06 -14.72
CA ARG B 233 13.34 -1.60 -15.68
C ARG B 233 12.57 -2.57 -16.58
N ASP B 234 12.86 -2.46 -17.85
CA ASP B 234 12.33 -3.42 -18.83
C ASP B 234 12.62 -4.87 -18.41
N GLY B 235 11.64 -5.75 -18.43
CA GLY B 235 11.78 -7.17 -18.13
C GLY B 235 11.88 -7.50 -16.66
N LYS B 236 11.74 -6.48 -15.84
CA LYS B 236 11.70 -6.73 -14.37
C LYS B 236 10.28 -6.35 -13.89
N TYR B 237 9.80 -6.89 -12.76
CA TYR B 237 8.50 -6.62 -12.17
C TYR B 237 8.56 -6.34 -10.68
N GLY B 238 7.59 -5.53 -10.21
CA GLY B 238 7.54 -5.22 -8.77
C GLY B 238 6.96 -6.44 -8.15
N PHE B 239 7.43 -6.56 -6.92
CA PHE B 239 7.03 -7.60 -6.01
C PHE B 239 6.30 -7.00 -4.78
N TYR B 240 5.28 -7.74 -4.31
CA TYR B 240 4.40 -7.29 -3.20
C TYR B 240 4.05 -8.38 -2.22
N THR B 241 3.95 -8.14 -0.91
CA THR B 241 3.46 -9.18 -0.02
C THR B 241 2.00 -9.55 -0.37
N HIS B 242 1.68 -10.84 -0.25
CA HIS B 242 0.39 -11.44 -0.61
C HIS B 242 -0.53 -11.39 0.58
N VAL B 243 -1.24 -10.27 0.61
CA VAL B 243 -2.10 -9.91 1.77
C VAL B 243 -3.06 -11.05 2.06
N PHE B 244 -3.73 -11.64 1.12
CA PHE B 244 -4.62 -12.79 1.55
C PHE B 244 -3.87 -13.92 2.23
N ARG B 245 -2.74 -14.40 1.73
CA ARG B 245 -2.00 -15.53 2.26
C ARG B 245 -1.69 -15.22 3.72
N LEU B 246 -1.74 -13.92 4.00
CA LEU B 246 -1.34 -13.54 5.40
C LEU B 246 -2.52 -13.10 6.30
N LYS B 247 -3.75 -13.15 5.78
CA LYS B 247 -4.93 -12.65 6.51
C LYS B 247 -5.04 -13.33 7.87
N LYS B 248 -4.73 -14.64 7.85
CA LYS B 248 -4.94 -15.35 9.16
C LYS B 248 -4.04 -14.77 10.24
N TRP B 249 -2.84 -14.41 9.82
CA TRP B 249 -1.89 -13.84 10.78
C TRP B 249 -2.50 -12.52 11.17
N ILE B 250 -2.89 -11.75 10.18
CA ILE B 250 -3.51 -10.43 10.46
C ILE B 250 -4.80 -10.61 11.32
N GLN B 251 -5.54 -11.68 11.11
CA GLN B 251 -6.81 -11.91 11.86
C GLN B 251 -6.46 -12.16 13.32
N LYS B 252 -5.47 -13.00 13.52
CA LYS B 252 -4.96 -13.31 14.85
C LYS B 252 -4.55 -12.12 15.68
N VAL B 253 -3.57 -11.28 15.35
CA VAL B 253 -3.17 -10.18 16.24
C VAL B 253 -4.30 -9.19 16.53
N ILE B 254 -5.16 -9.01 15.55
CA ILE B 254 -6.27 -8.05 15.78
C ILE B 254 -7.21 -8.59 16.87
N ASP B 255 -7.54 -9.85 16.74
CA ASP B 255 -8.44 -10.58 17.69
C ASP B 255 -7.74 -10.57 19.05
N GLN B 256 -6.49 -10.88 18.81
CA GLN B 256 -5.46 -11.09 19.83
C GLN B 256 -5.32 -9.90 20.74
N PHE B 257 -5.31 -8.71 20.17
CA PHE B 257 -5.17 -7.56 21.10
C PHE B 257 -5.64 -6.30 20.40
N GLY B 258 -6.59 -6.50 19.53
CA GLY B 258 -7.24 -5.54 18.68
C GLY B 258 -8.23 -4.48 19.10
N GLU B 259 -8.94 -4.08 18.03
CA GLU B 259 -10.03 -3.09 18.25
C GLU B 259 -11.37 -3.86 18.25
N ASP C 3 12.55 19.32 3.33
CA ASP C 3 11.78 19.92 2.18
C ASP C 3 10.32 19.93 2.62
N PHE C 4 10.18 19.15 3.69
CA PHE C 4 8.95 18.93 4.41
C PHE C 4 8.61 20.11 5.28
N GLU C 5 7.49 20.74 4.93
CA GLU C 5 6.97 21.83 5.76
C GLU C 5 6.80 21.26 7.16
N GLU C 6 6.77 22.13 8.13
CA GLU C 6 6.78 21.80 9.54
C GLU C 6 5.47 21.20 10.07
N ILE C 7 5.69 20.29 11.01
CA ILE C 7 4.53 19.65 11.66
C ILE C 7 4.41 20.22 13.08
N PRO C 8 3.18 20.28 13.58
CA PRO C 8 2.80 20.73 14.89
C PRO C 8 3.23 19.84 16.06
N GLU C 9 3.90 20.54 16.95
CA GLU C 9 4.53 20.01 18.15
C GLU C 9 3.56 19.19 18.96
N GLU C 10 2.29 19.52 18.76
CA GLU C 10 1.25 18.78 19.52
C GLU C 10 1.55 17.32 19.13
N TYS C 11 2.29 17.22 18.04
CA TYS C 11 2.68 15.96 17.44
CB TYS C 11 2.22 16.04 15.96
CG TYS C 11 0.77 16.31 15.76
CD1 TYS C 11 -0.20 15.66 16.54
CD2 TYS C 11 0.39 17.23 14.79
CE1 TYS C 11 -1.56 15.90 16.36
CE2 TYS C 11 -0.96 17.47 14.58
CZ TYS C 11 -1.90 16.79 15.36
OH TYS C 11 -3.21 17.08 15.05
S TYS C 11 -3.70 16.80 13.46
O1 TYS C 11 -2.68 17.24 12.58
O2 TYS C 11 -3.98 15.41 13.77
O3 TYS C 11 -4.93 17.59 13.26
C TYS C 11 4.16 15.59 17.31
O TYS C 11 4.46 14.89 16.31
N LEU C 12 5.05 16.00 18.16
CA LEU C 12 6.47 15.68 18.11
C LEU C 12 6.89 15.26 19.51
O4 34H D 1 16.13 -2.19 -7.34
C9 34H D 1 19.31 -4.02 -6.72
C8 34H D 1 19.40 -5.29 -7.26
C7 34H D 1 19.20 -5.45 -8.56
C6 34H D 1 18.93 -4.38 -9.38
C5 34H D 1 18.89 -3.12 -8.86
C4 34H D 1 18.97 -2.97 -7.52
O3 34H D 1 19.31 -6.72 -9.18
C3 34H D 1 18.49 -1.67 -6.93
C2 34H D 1 17.07 -1.71 -6.34
C1 34H D 1 16.99 -2.62 -5.13
O2 34H D 1 17.69 -2.48 -4.12
N LEU D 2 16.06 -3.55 -5.27
CA LEU D 2 15.58 -4.59 -4.37
C LEU D 2 14.65 -3.79 -3.50
O PRJ D 3 13.85 -0.73 -1.94
N PRJ D 3 14.84 -3.47 -2.22
C PRJ D 3 13.10 -1.69 -1.76
CA PRJ D 3 13.72 -2.97 -1.51
CB PRJ D 3 14.00 -3.31 -0.02
CG PRJ D 3 15.06 -4.39 0.02
C11 PRJ D 3 15.75 -4.56 1.36
C12 PRJ D 3 16.56 -3.26 1.78
C13 PRJ D 3 17.43 -2.86 0.57
C14 PRJ D 3 16.62 -2.55 -0.75
CD PRJ D 3 15.81 -3.87 -1.24
O2 PRJ D 3 18.58 -3.66 0.36
O OAR D 4 11.42 0.35 0.24
N OAR D 4 11.78 -1.49 -1.81
NE OAR D 4 10.44 -1.55 -6.67
NH1 OAR D 4 8.41 -2.05 -7.79
NH2 OAR D 4 10.44 -2.11 -8.94
CA OAR D 4 11.24 -0.26 -2.22
CB OAR D 4 10.06 -0.36 -3.23
CG OAR D 4 10.82 -1.18 -4.26
CD OAR D 4 9.75 -1.47 -5.36
CZ OAR D 4 9.75 -1.90 -7.80
C OAR D 4 10.63 0.44 -1.00
NA NA E . 9.38 -3.41 -15.35
#